data_2I2O
#
_entry.id   2I2O
#
_cell.length_a   317.796
_cell.length_b   40.948
_cell.length_c   40.917
_cell.angle_alpha   90.000
_cell.angle_beta   90.260
_cell.angle_gamma   90.000
#
_symmetry.space_group_name_H-M   'C 1 2 1'
#
loop_
_entity.id
_entity.type
_entity.pdbx_description
1 polymer 'eIF4G-like protein'
2 non-polymer 'NICKEL (II) ION'
3 water water
#
_entity_poly.entity_id   1
_entity_poly.type   'polypeptide(L)'
_entity_poly.pdbx_seq_one_letter_code
;AIAENSSKEDYKIQSFDLETQKLLKTALKDPGSVDLEKVSSVIVDQSLKDQVFSREAGRICYTIVQAEAKQTNGSVFRRN
LLNRLQQEFKAREETRKRSTQEWVCLVSFICNIFDYLKVNN(MSE)P(MSE)VALVHPVYDCLFRLAQSDALKNEEEVDC
LVLQLHRIGDQLEK(MSE)NVQL(MSE)DELFNLLRDGFLLQEDLSS(MSE)GRLLLLEILEFRAGGWKLSDTAQKYYYS
EVTD
;
_entity_poly.pdbx_strand_id   A,B
#
# COMPACT_ATOMS: atom_id res chain seq x y z
N GLU A 9 -27.62 -13.37 -21.04
CA GLU A 9 -28.44 -12.13 -21.11
C GLU A 9 -27.72 -11.01 -21.89
N ASP A 10 -27.00 -10.14 -21.17
CA ASP A 10 -26.40 -8.94 -21.76
C ASP A 10 -24.98 -9.21 -22.26
N TYR A 11 -24.81 -9.16 -23.57
CA TYR A 11 -23.50 -9.36 -24.19
C TYR A 11 -22.83 -8.04 -24.54
N LYS A 12 -23.46 -6.92 -24.15
CA LYS A 12 -22.86 -5.60 -24.29
C LYS A 12 -22.45 -5.24 -25.73
N ILE A 13 -23.31 -5.59 -26.69
CA ILE A 13 -23.03 -5.38 -28.13
C ILE A 13 -23.81 -4.21 -28.74
N GLN A 14 -24.19 -3.26 -27.90
CA GLN A 14 -25.01 -2.12 -28.33
C GLN A 14 -24.30 -1.20 -29.33
N SER A 15 -22.97 -1.22 -29.33
CA SER A 15 -22.18 -0.35 -30.21
C SER A 15 -22.14 -0.76 -31.68
N PHE A 16 -22.50 -2.01 -31.97
CA PHE A 16 -22.53 -2.55 -33.34
C PHE A 16 -23.74 -2.11 -34.14
N ASP A 17 -23.59 -2.13 -35.47
CA ASP A 17 -24.70 -2.14 -36.45
C ASP A 17 -25.84 -3.04 -35.99
N LEU A 18 -27.07 -2.68 -36.35
CA LEU A 18 -28.20 -3.57 -36.10
C LEU A 18 -27.97 -4.92 -36.82
N GLU A 19 -27.52 -4.84 -38.07
CA GLU A 19 -27.21 -6.00 -38.91
C GLU A 19 -26.11 -6.87 -38.32
N THR A 20 -25.09 -6.24 -37.75
CA THR A 20 -23.98 -6.98 -37.17
C THR A 20 -24.38 -7.63 -35.85
N GLN A 21 -25.23 -6.95 -35.08
CA GLN A 21 -25.82 -7.53 -33.87
C GLN A 21 -26.60 -8.80 -34.20
N LYS A 22 -27.31 -8.78 -35.33
CA LYS A 22 -28.08 -9.92 -35.81
C LYS A 22 -27.14 -11.10 -36.09
N LEU A 23 -26.02 -10.81 -36.75
CA LEU A 23 -25.00 -11.82 -37.00
C LEU A 23 -24.42 -12.41 -35.71
N LEU A 24 -24.11 -11.56 -34.74
CA LEU A 24 -23.55 -11.97 -33.46
C LEU A 24 -24.52 -12.82 -32.64
N LYS A 25 -25.79 -12.41 -32.61
CA LYS A 25 -26.84 -13.20 -31.98
C LYS A 25 -27.00 -14.57 -32.64
N THR A 26 -26.92 -14.63 -33.97
CA THR A 26 -27.01 -15.91 -34.70
C THR A 26 -25.80 -16.81 -34.38
N ALA A 27 -24.62 -16.21 -34.32
CA ALA A 27 -23.39 -16.91 -33.96
C ALA A 27 -23.49 -17.56 -32.58
N LEU A 28 -24.03 -16.81 -31.61
CA LEU A 28 -24.28 -17.29 -30.26
C LEU A 28 -24.97 -18.65 -30.19
N LYS A 29 -26.13 -18.76 -30.85
CA LYS A 29 -26.94 -19.98 -30.79
C LYS A 29 -26.54 -21.02 -31.81
N ASP A 30 -26.24 -20.60 -33.03
CA ASP A 30 -25.91 -21.54 -34.11
C ASP A 30 -24.62 -21.18 -34.87
N PRO A 31 -23.45 -21.49 -34.28
CA PRO A 31 -22.17 -21.09 -34.90
C PRO A 31 -21.95 -21.78 -36.25
N GLY A 32 -22.50 -22.98 -36.39
CA GLY A 32 -22.51 -23.68 -37.69
C GLY A 32 -23.20 -22.96 -38.83
N SER A 33 -24.07 -22.01 -38.52
CA SER A 33 -24.84 -21.30 -39.54
C SER A 33 -24.14 -20.02 -40.04
N VAL A 34 -23.11 -19.60 -39.33
CA VAL A 34 -22.39 -18.37 -39.66
C VAL A 34 -20.95 -18.66 -40.09
N ASP A 35 -20.34 -17.68 -40.74
CA ASP A 35 -18.93 -17.69 -41.07
C ASP A 35 -18.14 -17.19 -39.87
N LEU A 36 -17.58 -18.14 -39.11
CA LEU A 36 -16.98 -17.84 -37.80
C LEU A 36 -15.68 -17.05 -37.88
N GLU A 37 -14.96 -17.20 -39.00
CA GLU A 37 -13.81 -16.37 -39.30
C GLU A 37 -14.23 -14.90 -39.40
N LYS A 38 -15.30 -14.63 -40.14
CA LYS A 38 -15.86 -13.28 -40.22
C LYS A 38 -16.33 -12.74 -38.87
N VAL A 39 -17.04 -13.59 -38.10
CA VAL A 39 -17.52 -13.19 -36.78
C VAL A 39 -16.36 -12.79 -35.85
N SER A 40 -15.30 -13.60 -35.80
CA SER A 40 -14.13 -13.24 -35.00
C SER A 40 -13.54 -11.87 -35.43
N SER A 41 -13.52 -11.66 -36.74
CA SER A 41 -12.96 -10.46 -37.35
C SER A 41 -13.75 -9.21 -36.92
N VAL A 42 -15.08 -9.26 -37.00
CA VAL A 42 -15.90 -8.10 -36.60
C VAL A 42 -15.81 -7.82 -35.08
N ILE A 43 -15.73 -8.88 -34.28
CA ILE A 43 -15.53 -8.74 -32.84
C ILE A 43 -14.23 -8.00 -32.48
N VAL A 44 -13.10 -8.45 -33.05
CA VAL A 44 -11.80 -7.85 -32.73
C VAL A 44 -11.72 -6.44 -33.29
N ASP A 45 -12.30 -6.20 -34.48
CA ASP A 45 -12.35 -4.84 -35.06
C ASP A 45 -12.99 -3.84 -34.13
N GLN A 46 -14.17 -4.20 -33.61
CA GLN A 46 -14.95 -3.32 -32.77
C GLN A 46 -14.37 -3.20 -31.37
N SER A 47 -13.66 -4.23 -30.89
CA SER A 47 -13.08 -4.16 -29.56
C SER A 47 -12.05 -3.03 -29.45
N LEU A 48 -11.47 -2.63 -30.60
CA LEU A 48 -10.48 -1.56 -30.65
C LEU A 48 -11.09 -0.16 -30.74
N LYS A 49 -12.40 -0.09 -30.95
CA LYS A 49 -13.07 1.15 -31.29
C LYS A 49 -14.05 1.59 -30.22
N ASP A 50 -14.29 0.70 -29.25
CA ASP A 50 -15.35 0.98 -28.28
C ASP A 50 -14.88 0.52 -26.93
N GLN A 51 -14.82 1.47 -25.99
CA GLN A 51 -14.27 1.22 -24.64
C GLN A 51 -15.10 0.17 -23.91
N VAL A 52 -16.42 0.33 -23.92
CA VAL A 52 -17.29 -0.64 -23.23
C VAL A 52 -17.13 -2.05 -23.82
N PHE A 53 -17.18 -2.16 -25.15
CA PHE A 53 -17.03 -3.47 -25.76
C PHE A 53 -15.62 -4.04 -25.60
N SER A 54 -14.60 -3.19 -25.51
CA SER A 54 -13.23 -3.68 -25.25
C SER A 54 -13.14 -4.36 -23.90
N ARG A 55 -13.98 -3.93 -22.97
CA ARG A 55 -13.97 -4.43 -21.62
C ARG A 55 -14.96 -5.58 -21.40
N GLU A 56 -15.79 -5.87 -22.40
CA GLU A 56 -16.86 -6.83 -22.20
C GLU A 56 -16.97 -7.92 -23.28
N ALA A 57 -16.13 -7.84 -24.32
CA ALA A 57 -16.16 -8.78 -25.45
C ALA A 57 -16.03 -10.26 -25.02
N GLY A 58 -15.36 -10.49 -23.89
CA GLY A 58 -15.17 -11.86 -23.43
C GLY A 58 -16.47 -12.65 -23.26
N ARG A 59 -17.53 -11.95 -22.84
CA ARG A 59 -18.82 -12.57 -22.59
C ARG A 59 -19.32 -13.32 -23.82
N ILE A 60 -19.44 -12.60 -24.94
CA ILE A 60 -19.90 -13.21 -26.18
C ILE A 60 -18.88 -14.20 -26.74
N CYS A 61 -17.59 -13.91 -26.56
CA CYS A 61 -16.56 -14.78 -27.12
C CYS A 61 -16.59 -16.17 -26.49
N TYR A 62 -16.67 -16.21 -25.16
CA TYR A 62 -16.78 -17.48 -24.42
C TYR A 62 -18.00 -18.30 -24.86
N THR A 63 -19.13 -17.61 -25.01
CA THR A 63 -20.40 -18.26 -25.37
C THR A 63 -20.37 -18.90 -26.77
N ILE A 64 -19.78 -18.20 -27.74
CA ILE A 64 -19.59 -18.77 -29.10
C ILE A 64 -18.64 -19.98 -29.05
N VAL A 65 -17.52 -19.85 -28.33
CA VAL A 65 -16.56 -20.94 -28.19
C VAL A 65 -17.18 -22.21 -27.61
N GLN A 66 -17.97 -22.05 -26.55
CA GLN A 66 -18.72 -23.16 -25.94
C GLN A 66 -19.74 -23.75 -26.90
N ALA A 67 -20.51 -22.89 -27.55
CA ALA A 67 -21.54 -23.34 -28.51
C ALA A 67 -20.91 -24.16 -29.65
N GLU A 68 -19.79 -23.70 -30.19
CA GLU A 68 -19.13 -24.39 -31.28
C GLU A 68 -18.57 -25.77 -30.88
N ALA A 69 -17.95 -25.83 -29.70
CA ALA A 69 -17.44 -27.07 -29.12
C ALA A 69 -18.56 -28.10 -28.88
N LYS A 70 -19.70 -27.63 -28.39
CA LYS A 70 -20.84 -28.50 -28.15
C LYS A 70 -21.51 -28.96 -29.45
N GLN A 71 -21.60 -28.07 -30.43
CA GLN A 71 -22.28 -28.37 -31.70
C GLN A 71 -21.47 -29.28 -32.64
N THR A 72 -20.24 -28.90 -32.94
CA THR A 72 -19.46 -29.59 -33.97
C THR A 72 -18.11 -30.08 -33.49
N ASN A 73 -17.88 -29.95 -32.18
CA ASN A 73 -16.59 -30.27 -31.58
C ASN A 73 -15.44 -29.47 -32.20
N GLY A 74 -15.76 -28.23 -32.62
CA GLY A 74 -14.85 -27.39 -33.36
C GLY A 74 -14.39 -26.19 -32.56
N SER A 75 -13.25 -25.65 -32.96
CA SER A 75 -12.70 -24.44 -32.36
C SER A 75 -12.26 -23.48 -33.46
N VAL A 76 -13.01 -23.45 -34.58
CA VAL A 76 -12.75 -22.53 -35.68
C VAL A 76 -12.80 -21.08 -35.17
N PHE A 77 -13.82 -20.74 -34.38
CA PHE A 77 -13.93 -19.38 -33.86
C PHE A 77 -12.78 -19.02 -32.93
N ARG A 78 -12.49 -19.87 -31.95
CA ARG A 78 -11.40 -19.57 -31.03
C ARG A 78 -10.07 -19.38 -31.75
N ARG A 79 -9.76 -20.28 -32.67
CA ARG A 79 -8.48 -20.24 -33.37
C ARG A 79 -8.35 -18.93 -34.16
N ASN A 80 -9.43 -18.56 -34.83
CA ASN A 80 -9.46 -17.32 -35.60
C ASN A 80 -9.43 -16.08 -34.72
N LEU A 81 -10.19 -16.11 -33.62
CA LEU A 81 -10.17 -15.03 -32.64
C LEU A 81 -8.76 -14.85 -32.07
N LEU A 82 -8.14 -15.93 -31.62
CA LEU A 82 -6.80 -15.80 -31.01
C LEU A 82 -5.68 -15.45 -32.01
N ASN A 83 -5.77 -15.97 -33.24
CA ASN A 83 -4.88 -15.52 -34.30
C ASN A 83 -4.98 -13.99 -34.51
N ARG A 84 -6.19 -13.48 -34.67
CA ARG A 84 -6.37 -12.05 -34.86
C ARG A 84 -5.85 -11.24 -33.66
N LEU A 85 -6.15 -11.72 -32.45
CA LEU A 85 -5.67 -11.13 -31.23
C LEU A 85 -4.14 -11.07 -31.25
N GLN A 86 -3.50 -12.16 -31.69
CA GLN A 86 -2.03 -12.17 -31.77
C GLN A 86 -1.49 -11.19 -32.79
N GLN A 87 -2.20 -11.03 -33.90
CA GLN A 87 -1.85 -10.06 -34.94
C GLN A 87 -1.87 -8.63 -34.37
N GLU A 88 -2.87 -8.35 -33.54
CA GLU A 88 -3.05 -7.02 -32.98
C GLU A 88 -2.03 -6.75 -31.90
N PHE A 89 -1.86 -7.75 -31.01
CA PHE A 89 -0.81 -7.73 -30.01
C PHE A 89 0.59 -7.45 -30.62
N LYS A 90 0.91 -8.12 -31.70
CA LYS A 90 2.23 -7.96 -32.35
C LYS A 90 2.43 -6.53 -32.88
N ALA A 91 1.33 -5.89 -33.27
CA ALA A 91 1.35 -4.53 -33.79
C ALA A 91 1.05 -3.47 -32.71
N ARG A 92 1.12 -3.85 -31.45
CA ARG A 92 0.77 -2.96 -30.37
C ARG A 92 1.56 -1.66 -30.32
N GLU A 93 2.84 -1.67 -30.68
CA GLU A 93 3.57 -0.40 -30.58
C GLU A 93 3.11 0.62 -31.62
N GLU A 94 2.86 0.17 -32.83
CA GLU A 94 2.36 1.05 -33.87
C GLU A 94 0.93 1.51 -33.57
N THR A 95 0.15 0.63 -32.94
CA THR A 95 -1.21 0.96 -32.53
C THR A 95 -1.20 2.04 -31.46
N ARG A 96 -0.31 1.90 -30.46
CA ARG A 96 -0.12 2.90 -29.39
C ARG A 96 0.32 4.27 -29.93
N LYS A 97 1.25 4.26 -30.88
CA LYS A 97 1.69 5.46 -31.60
C LYS A 97 0.57 6.12 -32.41
N ARG A 98 -0.26 5.30 -33.05
CA ARG A 98 -1.39 5.78 -33.85
C ARG A 98 -2.50 6.36 -32.97
N SER A 99 -2.81 5.68 -31.86
CA SER A 99 -3.95 6.07 -31.03
C SER A 99 -3.83 5.47 -29.65
N THR A 100 -3.67 6.31 -28.63
CA THR A 100 -3.69 5.82 -27.25
C THR A 100 -4.99 5.06 -26.91
N GLN A 101 -6.12 5.57 -27.39
CA GLN A 101 -7.41 4.93 -27.10
C GLN A 101 -7.53 3.52 -27.71
N GLU A 102 -7.17 3.36 -28.97
CA GLU A 102 -7.15 2.01 -29.60
C GLU A 102 -6.22 1.05 -28.86
N TRP A 103 -5.07 1.54 -28.43
CA TRP A 103 -4.13 0.76 -27.63
C TRP A 103 -4.68 0.33 -26.24
N VAL A 104 -5.31 1.26 -25.49
CA VAL A 104 -5.93 0.88 -24.18
C VAL A 104 -7.14 -0.07 -24.37
N CYS A 105 -7.92 0.14 -25.43
CA CYS A 105 -8.94 -0.85 -25.83
C CYS A 105 -8.36 -2.25 -26.11
N LEU A 106 -7.31 -2.33 -26.92
CA LEU A 106 -6.61 -3.59 -27.14
C LEU A 106 -6.22 -4.29 -25.84
N VAL A 107 -5.60 -3.54 -24.91
CA VAL A 107 -5.19 -4.13 -23.62
C VAL A 107 -6.42 -4.67 -22.85
N SER A 108 -7.47 -3.87 -22.73
CA SER A 108 -8.67 -4.35 -22.05
C SER A 108 -9.21 -5.62 -22.73
N PHE A 109 -9.21 -5.66 -24.05
CA PHE A 109 -9.75 -6.81 -24.78
C PHE A 109 -8.92 -8.05 -24.51
N ILE A 110 -7.60 -7.94 -24.61
CA ILE A 110 -6.71 -9.10 -24.37
C ILE A 110 -6.93 -9.65 -22.95
N CYS A 111 -7.00 -8.75 -21.97
CA CYS A 111 -7.19 -9.13 -20.57
C CYS A 111 -8.56 -9.71 -20.28
N ASN A 112 -9.58 -9.22 -20.98
CA ASN A 112 -10.95 -9.71 -20.86
C ASN A 112 -11.04 -11.12 -21.47
N ILE A 113 -10.36 -11.35 -22.61
CA ILE A 113 -10.31 -12.67 -23.23
C ILE A 113 -9.58 -13.64 -22.30
N PHE A 114 -8.49 -13.20 -21.69
CA PHE A 114 -7.78 -14.01 -20.69
C PHE A 114 -8.74 -14.49 -19.57
N ASP A 115 -9.57 -13.56 -19.07
CA ASP A 115 -10.50 -13.83 -17.96
C ASP A 115 -11.67 -14.75 -18.36
N TYR A 116 -12.17 -14.62 -19.60
CA TYR A 116 -13.36 -15.38 -20.04
C TYR A 116 -13.08 -16.70 -20.76
N LEU A 117 -12.03 -16.71 -21.58
CA LEU A 117 -11.68 -17.92 -22.37
C LEU A 117 -10.89 -18.92 -21.54
N LYS A 118 -11.62 -19.64 -20.67
CA LYS A 118 -11.03 -20.51 -19.68
C LYS A 118 -11.33 -21.97 -20.00
N VAL A 119 -10.51 -22.87 -19.47
CA VAL A 119 -10.72 -24.34 -19.53
C VAL A 119 -10.84 -24.69 -18.03
N ASN A 120 -12.06 -24.82 -17.53
CA ASN A 120 -12.37 -24.72 -16.07
C ASN A 120 -12.40 -23.26 -15.62
N ASN A 121 -11.62 -22.95 -14.60
CA ASN A 121 -11.09 -21.63 -14.37
C ASN A 121 -9.56 -21.69 -14.56
N PRO A 123 -7.03 -20.49 -16.84
CA PRO A 123 -6.64 -19.65 -17.98
C PRO A 123 -5.77 -20.35 -19.01
N VAL A 125 -2.48 -20.51 -20.98
CA VAL A 125 -1.10 -20.05 -20.84
C VAL A 125 -0.68 -19.22 -22.06
N ALA A 126 -1.28 -19.51 -23.23
CA ALA A 126 -0.94 -18.78 -24.45
C ALA A 126 -1.21 -17.27 -24.32
N LEU A 127 -2.09 -16.90 -23.39
CA LEU A 127 -2.45 -15.50 -23.21
C LEU A 127 -1.65 -14.82 -22.10
N VAL A 128 -0.91 -15.61 -21.33
CA VAL A 128 -0.17 -15.07 -20.18
C VAL A 128 0.87 -14.06 -20.63
N HIS A 129 1.65 -14.41 -21.65
CA HIS A 129 2.70 -13.51 -22.07
C HIS A 129 2.20 -12.22 -22.76
N PRO A 130 1.25 -12.32 -23.72
CA PRO A 130 0.50 -11.14 -24.18
C PRO A 130 -0.06 -10.22 -23.09
N VAL A 131 -0.73 -10.79 -22.07
CA VAL A 131 -1.23 -9.94 -20.97
C VAL A 131 -0.05 -9.26 -20.24
N TYR A 132 0.92 -10.04 -19.78
CA TYR A 132 2.01 -9.43 -19.03
C TYR A 132 2.77 -8.41 -19.86
N ASP A 133 3.02 -8.71 -21.14
CA ASP A 133 3.76 -7.77 -21.99
C ASP A 133 3.03 -6.40 -22.06
N CYS A 134 1.72 -6.45 -22.24
CA CYS A 134 0.91 -5.21 -22.25
C CYS A 134 0.96 -4.44 -20.91
N LEU A 135 0.80 -5.15 -19.80
CA LEU A 135 0.85 -4.50 -18.49
C LEU A 135 2.23 -3.86 -18.21
N PHE A 136 3.32 -4.58 -18.58
CA PHE A 136 4.68 -4.05 -18.43
C PHE A 136 4.89 -2.81 -19.29
N ARG A 137 4.22 -2.75 -20.45
CA ARG A 137 4.32 -1.57 -21.33
C ARG A 137 3.68 -0.38 -20.64
N LEU A 138 2.53 -0.62 -20.03
CA LEU A 138 1.77 0.41 -19.32
C LEU A 138 2.49 0.96 -18.09
N ALA A 139 3.44 0.19 -17.56
CA ALA A 139 4.13 0.49 -16.33
C ALA A 139 5.45 1.20 -16.55
N GLN A 140 5.85 1.38 -17.81
CA GLN A 140 7.01 2.20 -18.17
C GLN A 140 6.77 3.67 -17.87
N SER A 141 7.88 4.38 -17.65
CA SER A 141 7.87 5.85 -17.40
C SER A 141 7.01 6.62 -18.41
N ASP A 142 7.22 6.30 -19.68
CA ASP A 142 6.62 7.06 -20.78
C ASP A 142 5.16 6.67 -21.06
N ALA A 143 4.60 5.80 -20.21
CA ALA A 143 3.21 5.37 -20.21
C ALA A 143 2.52 5.83 -18.94
N LEU A 144 3.23 5.70 -17.82
CA LEU A 144 2.71 6.21 -16.56
C LEU A 144 2.49 7.71 -16.67
N LYS A 145 3.28 8.39 -17.52
CA LYS A 145 3.14 9.86 -17.77
C LYS A 145 1.80 10.19 -18.46
N ASN A 146 1.09 9.15 -18.92
CA ASN A 146 -0.24 9.27 -19.53
C ASN A 146 -1.34 8.64 -18.65
N GLU A 147 -2.20 9.50 -18.09
CA GLU A 147 -3.28 9.12 -17.17
C GLU A 147 -4.27 8.07 -17.76
N GLU A 148 -4.53 8.15 -19.06
CA GLU A 148 -5.38 7.17 -19.78
C GLU A 148 -4.78 5.76 -19.69
N GLU A 149 -3.46 5.68 -19.79
CA GLU A 149 -2.76 4.41 -19.69
C GLU A 149 -2.75 3.84 -18.26
N VAL A 150 -2.66 4.73 -17.27
CA VAL A 150 -2.72 4.30 -15.87
C VAL A 150 -4.10 3.76 -15.54
N ASP A 151 -5.16 4.43 -16.00
CA ASP A 151 -6.51 3.93 -15.81
C ASP A 151 -6.63 2.50 -16.38
N CYS A 152 -6.10 2.30 -17.58
CA CYS A 152 -6.16 0.98 -18.23
C CYS A 152 -5.43 -0.05 -17.37
N LEU A 153 -4.19 0.27 -16.99
CA LEU A 153 -3.40 -0.64 -16.19
C LEU A 153 -4.12 -1.12 -14.93
N VAL A 154 -4.67 -0.19 -14.15
CA VAL A 154 -5.24 -0.55 -12.85
C VAL A 154 -6.54 -1.28 -12.99
N LEU A 155 -7.30 -0.99 -14.07
CA LEU A 155 -8.47 -1.78 -14.39
C LEU A 155 -8.08 -3.24 -14.55
N GLN A 156 -7.01 -3.51 -15.30
CA GLN A 156 -6.63 -4.91 -15.53
C GLN A 156 -6.18 -5.58 -14.22
N LEU A 157 -5.43 -4.84 -13.42
CA LEU A 157 -4.95 -5.36 -12.13
C LEU A 157 -6.13 -5.65 -11.16
N HIS A 158 -7.12 -4.75 -11.12
CA HIS A 158 -8.35 -5.04 -10.37
C HIS A 158 -9.03 -6.29 -10.88
N ARG A 159 -9.11 -6.42 -12.21
CA ARG A 159 -9.85 -7.53 -12.83
C ARG A 159 -9.17 -8.89 -12.73
N ILE A 160 -7.88 -8.95 -13.05
CA ILE A 160 -7.19 -10.24 -13.19
C ILE A 160 -5.84 -10.29 -12.51
N GLY A 161 -5.48 -9.25 -11.75
CA GLY A 161 -4.17 -9.27 -11.04
C GLY A 161 -3.94 -10.54 -10.20
N ASP A 162 -4.96 -10.96 -9.47
CA ASP A 162 -4.78 -12.10 -8.55
C ASP A 162 -4.53 -13.40 -9.33
N GLN A 163 -5.28 -13.56 -10.42
CA GLN A 163 -5.14 -14.72 -11.33
C GLN A 163 -3.77 -14.75 -12.02
N LEU A 164 -3.33 -13.58 -12.52
CA LEU A 164 -2.02 -13.41 -13.15
C LEU A 164 -0.83 -13.66 -12.26
N GLU A 165 -0.94 -13.23 -11.02
CA GLU A 165 0.10 -13.41 -10.06
C GLU A 165 0.31 -14.92 -9.85
N LYS A 166 -0.79 -15.67 -9.85
CA LYS A 166 -0.69 -17.10 -9.63
C LYS A 166 0.04 -17.75 -10.80
N ASN A 168 2.39 -16.48 -12.66
CA ASN A 168 3.81 -16.14 -12.61
C ASN A 168 4.10 -15.05 -11.58
N VAL A 169 4.40 -15.45 -10.34
CA VAL A 169 4.52 -14.42 -9.28
C VAL A 169 5.71 -13.48 -9.47
N GLN A 170 6.83 -13.99 -9.98
CA GLN A 170 8.01 -13.14 -10.22
C GLN A 170 7.73 -12.02 -11.21
N LEU A 171 7.02 -12.32 -12.30
CA LEU A 171 6.59 -11.26 -13.20
C LEU A 171 5.74 -10.22 -12.48
N ASP A 173 5.83 -9.51 -9.29
CA ASP A 173 6.72 -8.78 -8.35
C ASP A 173 7.48 -7.74 -9.13
N GLU A 174 7.98 -8.11 -10.31
CA GLU A 174 8.73 -7.17 -11.16
C GLU A 174 7.86 -6.02 -11.66
N LEU A 175 6.62 -6.33 -12.08
CA LEU A 175 5.65 -5.31 -12.46
C LEU A 175 5.42 -4.29 -11.32
N PHE A 176 5.16 -4.78 -10.11
CA PHE A 176 4.91 -3.88 -8.96
C PHE A 176 6.13 -3.09 -8.51
N ASN A 177 7.31 -3.65 -8.74
CA ASN A 177 8.54 -2.87 -8.60
C ASN A 177 8.57 -1.65 -9.52
N LEU A 178 8.19 -1.82 -10.79
CA LEU A 178 8.07 -0.68 -11.73
C LEU A 178 7.08 0.34 -11.24
N LEU A 179 5.97 -0.13 -10.66
CA LEU A 179 4.91 0.74 -10.15
C LEU A 179 5.38 1.56 -8.95
N ARG A 180 6.16 0.95 -8.05
CA ARG A 180 6.74 1.69 -6.93
C ARG A 180 7.73 2.71 -7.46
N ASP A 181 8.54 2.28 -8.45
CA ASP A 181 9.56 3.17 -9.02
C ASP A 181 8.87 4.40 -9.62
N GLY A 182 7.83 4.17 -10.40
CA GLY A 182 7.15 5.25 -11.12
C GLY A 182 6.47 6.13 -10.10
N PHE A 183 6.00 5.49 -9.06
CA PHE A 183 5.28 6.24 -8.07
CA PHE A 183 5.30 6.22 -8.07
C PHE A 183 6.27 7.08 -7.27
N LEU A 184 7.43 6.52 -6.96
CA LEU A 184 8.36 7.18 -6.08
C LEU A 184 9.13 8.29 -6.73
N LEU A 185 9.59 8.01 -7.95
CA LEU A 185 10.67 8.75 -8.61
C LEU A 185 10.24 9.69 -9.74
N GLN A 186 9.28 9.25 -10.53
CA GLN A 186 8.87 10.00 -11.69
C GLN A 186 8.01 11.19 -11.32
N GLU A 187 8.50 12.37 -11.66
CA GLU A 187 7.81 13.61 -11.42
C GLU A 187 6.53 13.84 -12.27
N ASP A 188 6.52 13.45 -13.55
CA ASP A 188 5.52 13.98 -14.49
C ASP A 188 4.21 13.13 -14.59
N LEU A 189 3.67 12.78 -13.42
CA LEU A 189 2.38 12.02 -13.28
C LEU A 189 1.34 13.04 -12.86
N SER A 190 0.10 12.87 -13.34
CA SER A 190 -0.95 13.79 -12.91
C SER A 190 -1.38 13.36 -11.51
N SER A 191 -2.14 14.21 -10.82
CA SER A 191 -2.78 13.81 -9.56
C SER A 191 -3.66 12.56 -9.69
N GLY A 193 -3.35 10.13 -11.94
CA GLY A 193 -2.40 9.03 -12.09
C GLY A 193 -1.72 8.58 -10.79
N ARG A 194 -1.28 9.54 -10.02
CA ARG A 194 -0.66 9.29 -8.72
C ARG A 194 -1.67 8.58 -7.80
N LEU A 195 -2.93 9.01 -7.82
CA LEU A 195 -3.96 8.42 -6.99
C LEU A 195 -4.31 6.96 -7.38
N LEU A 196 -4.60 6.75 -8.66
CA LEU A 196 -4.73 5.37 -9.19
C LEU A 196 -3.59 4.43 -8.79
N LEU A 197 -2.35 4.88 -8.94
CA LEU A 197 -1.21 4.03 -8.59
C LEU A 197 -1.15 3.70 -7.11
N LEU A 198 -1.41 4.69 -6.24
CA LEU A 198 -1.40 4.41 -4.81
C LEU A 198 -2.48 3.39 -4.43
N GLU A 199 -3.70 3.57 -4.96
CA GLU A 199 -4.76 2.63 -4.69
C GLU A 199 -4.35 1.20 -5.09
N ILE A 200 -3.77 1.02 -6.27
CA ILE A 200 -3.41 -0.34 -6.72
C ILE A 200 -2.26 -0.92 -5.90
N LEU A 201 -1.33 -0.07 -5.47
CA LEU A 201 -0.30 -0.54 -4.55
C LEU A 201 -0.89 -1.08 -3.23
N GLU A 202 -1.83 -0.32 -2.65
CA GLU A 202 -2.55 -0.78 -1.45
C GLU A 202 -3.40 -2.03 -1.72
N PHE A 203 -4.06 -2.06 -2.88
CA PHE A 203 -4.91 -3.18 -3.29
C PHE A 203 -4.12 -4.51 -3.28
N ARG A 204 -2.99 -4.57 -3.98
CA ARG A 204 -2.17 -5.79 -3.94
C ARG A 204 -1.64 -6.09 -2.54
N ALA A 205 -1.16 -5.07 -1.82
CA ALA A 205 -0.65 -5.23 -0.43
C ALA A 205 -1.69 -5.87 0.49
N GLY A 206 -2.98 -5.55 0.28
CA GLY A 206 -4.06 -6.13 1.08
C GLY A 206 -4.57 -7.48 0.61
N GLY A 207 -3.86 -8.11 -0.33
CA GLY A 207 -4.24 -9.43 -0.90
C GLY A 207 -5.25 -9.32 -2.03
N TRP A 208 -5.12 -8.25 -2.84
CA TRP A 208 -5.98 -7.97 -4.00
C TRP A 208 -7.39 -7.65 -3.49
N LYS A 209 -7.44 -6.80 -2.49
CA LYS A 209 -8.72 -6.25 -2.05
C LYS A 209 -8.56 -4.85 -1.45
N LEU A 210 -9.68 -4.16 -1.42
CA LEU A 210 -9.85 -2.79 -0.99
C LEU A 210 -10.33 -2.83 0.44
N SER A 211 -9.53 -2.36 1.39
CA SER A 211 -10.02 -2.24 2.77
C SER A 211 -11.15 -1.22 2.82
N ASP A 212 -11.93 -1.27 3.89
CA ASP A 212 -13.03 -0.32 4.09
C ASP A 212 -12.55 1.15 4.10
N THR A 213 -11.45 1.41 4.81
CA THR A 213 -10.94 2.79 4.94
C THR A 213 -10.41 3.29 3.56
N ALA A 214 -9.78 2.40 2.79
CA ALA A 214 -9.29 2.76 1.44
C ALA A 214 -10.44 3.00 0.49
N GLN A 215 -11.48 2.17 0.58
CA GLN A 215 -12.71 2.39 -0.18
C GLN A 215 -13.23 3.80 0.00
N LYS A 216 -13.35 4.23 1.27
CA LYS A 216 -13.85 5.53 1.62
C LYS A 216 -12.90 6.62 1.14
N TYR A 217 -11.61 6.39 1.26
CA TYR A 217 -10.64 7.40 0.84
C TYR A 217 -10.69 7.68 -0.67
N TYR A 218 -10.68 6.62 -1.47
CA TYR A 218 -10.53 6.73 -2.93
C TYR A 218 -11.87 6.87 -3.66
N TYR A 219 -12.96 6.39 -3.08
CA TYR A 219 -14.22 6.20 -3.82
C TYR A 219 -15.46 6.79 -3.14
N ASP B 10 20.93 -5.70 28.79
CA ASP B 10 21.34 -4.45 28.08
C ASP B 10 20.24 -3.40 28.18
N TYR B 11 20.49 -2.38 29.01
CA TYR B 11 19.49 -1.35 29.25
C TYR B 11 19.75 -0.08 28.46
N LYS B 12 20.76 -0.13 27.60
CA LYS B 12 21.11 0.95 26.66
C LYS B 12 21.39 2.29 27.35
N ILE B 13 22.13 2.22 28.46
CA ILE B 13 22.42 3.40 29.28
C ILE B 13 23.88 3.89 29.12
N GLN B 14 24.48 3.64 27.95
CA GLN B 14 25.88 4.02 27.72
C GLN B 14 26.08 5.54 27.67
N SER B 15 25.05 6.26 27.20
CA SER B 15 25.13 7.73 27.05
C SER B 15 25.15 8.53 28.38
N PHE B 16 24.80 7.91 29.50
CA PHE B 16 24.80 8.56 30.81
C PHE B 16 26.20 8.72 31.39
N ASP B 17 26.34 9.63 32.37
CA ASP B 17 27.57 9.74 33.18
C ASP B 17 27.81 8.45 33.95
N LEU B 18 29.06 8.22 34.34
CA LEU B 18 29.38 7.07 35.18
C LEU B 18 28.59 7.07 36.50
N GLU B 19 28.54 8.22 37.17
CA GLU B 19 27.76 8.40 38.41
C GLU B 19 26.24 8.17 38.24
N THR B 20 25.69 8.60 37.11
CA THR B 20 24.27 8.38 36.84
C THR B 20 24.01 6.93 36.45
N GLN B 21 24.97 6.31 35.77
CA GLN B 21 24.89 4.88 35.45
C GLN B 21 24.79 4.03 36.71
N LYS B 22 25.59 4.38 37.72
CA LYS B 22 25.55 3.73 39.02
C LYS B 22 24.20 3.90 39.72
N LEU B 23 23.68 5.13 39.75
CA LEU B 23 22.35 5.40 40.31
C LEU B 23 21.29 4.51 39.68
N LEU B 24 21.33 4.43 38.35
CA LEU B 24 20.36 3.64 37.58
C LEU B 24 20.44 2.14 37.84
N LYS B 25 21.66 1.61 37.93
CA LYS B 25 21.86 0.18 38.24
C LYS B 25 21.41 -0.18 39.65
N THR B 26 21.64 0.72 40.61
CA THR B 26 21.09 0.57 41.97
C THR B 26 19.55 0.56 41.93
N ALA B 27 18.97 1.56 41.28
CA ALA B 27 17.52 1.71 41.18
C ALA B 27 16.82 0.44 40.66
N LEU B 28 17.43 -0.22 39.67
CA LEU B 28 16.90 -1.47 39.11
C LEU B 28 16.79 -2.61 40.12
N LYS B 29 17.82 -2.76 40.95
CA LYS B 29 17.89 -3.84 41.93
C LYS B 29 17.22 -3.48 43.24
N ASP B 30 17.41 -2.23 43.67
CA ASP B 30 16.93 -1.75 44.97
C ASP B 30 16.32 -0.34 44.87
N PRO B 31 15.11 -0.23 44.32
CA PRO B 31 14.50 1.10 44.20
C PRO B 31 14.22 1.80 45.53
N GLY B 32 14.07 1.02 46.61
CA GLY B 32 13.84 1.58 47.95
C GLY B 32 14.99 2.38 48.52
N SER B 33 16.18 2.17 47.97
CA SER B 33 17.39 2.82 48.46
C SER B 33 17.83 4.00 47.57
N VAL B 34 16.96 4.42 46.66
CA VAL B 34 17.24 5.58 45.82
C VAL B 34 16.12 6.63 45.89
N ASP B 35 16.45 7.84 45.48
CA ASP B 35 15.47 8.89 45.26
C ASP B 35 14.80 8.62 43.91
N LEU B 36 13.63 7.99 43.95
CA LEU B 36 12.97 7.57 42.72
C LEU B 36 12.53 8.74 41.86
N GLU B 37 12.22 9.87 42.51
CA GLU B 37 11.84 11.07 41.78
C GLU B 37 13.02 11.56 40.94
N LYS B 38 14.22 11.52 41.54
CA LYS B 38 15.45 11.85 40.83
C LYS B 38 15.73 10.88 39.66
N VAL B 39 15.66 9.58 39.92
CA VAL B 39 15.82 8.56 38.86
C VAL B 39 14.90 8.84 37.64
N SER B 40 13.61 9.05 37.88
CA SER B 40 12.68 9.39 36.78
C SER B 40 13.12 10.65 36.03
N SER B 41 13.57 11.66 36.77
CA SER B 41 14.05 12.92 36.24
C SER B 41 15.26 12.73 35.31
N VAL B 42 16.27 11.99 35.78
CA VAL B 42 17.48 11.76 34.95
C VAL B 42 17.16 11.00 33.66
N ILE B 43 16.28 10.00 33.78
CA ILE B 43 15.79 9.21 32.62
C ILE B 43 15.08 10.06 31.57
N VAL B 44 14.11 10.88 31.97
CA VAL B 44 13.42 11.73 30.98
C VAL B 44 14.36 12.79 30.38
N ASP B 45 15.19 13.42 31.23
CA ASP B 45 16.22 14.36 30.74
C ASP B 45 17.04 13.77 29.60
N GLN B 46 17.54 12.55 29.81
CA GLN B 46 18.45 11.92 28.86
C GLN B 46 17.75 11.37 27.63
N SER B 47 16.50 10.91 27.78
CA SER B 47 15.69 10.49 26.63
C SER B 47 15.51 11.58 25.56
N LEU B 48 15.52 12.86 25.94
CA LEU B 48 15.44 13.94 24.94
C LEU B 48 16.78 14.18 24.24
N LYS B 49 17.86 13.73 24.89
CA LYS B 49 19.21 14.03 24.45
C LYS B 49 19.86 12.94 23.61
N ASP B 50 19.36 11.71 23.67
CA ASP B 50 20.07 10.60 23.01
C ASP B 50 19.13 9.73 22.19
N GLN B 51 19.41 9.61 20.89
CA GLN B 51 18.55 8.82 20.01
C GLN B 51 18.35 7.38 20.46
N VAL B 52 19.44 6.66 20.72
CA VAL B 52 19.35 5.25 21.11
C VAL B 52 18.59 5.10 22.44
N PHE B 53 18.94 5.92 23.43
CA PHE B 53 18.18 5.91 24.69
C PHE B 53 16.69 6.30 24.54
N SER B 54 16.37 7.22 23.62
CA SER B 54 14.96 7.61 23.44
C SER B 54 14.13 6.46 22.90
N ARG B 55 14.79 5.52 22.23
CA ARG B 55 14.11 4.36 21.62
C ARG B 55 14.12 3.12 22.51
N GLU B 56 14.84 3.18 23.63
CA GLU B 56 15.07 1.98 24.44
C GLU B 56 14.86 2.14 25.94
N ALA B 57 14.52 3.35 26.38
CA ALA B 57 14.38 3.64 27.81
C ALA B 57 13.23 2.88 28.49
N GLY B 58 12.28 2.39 27.71
CA GLY B 58 11.16 1.60 28.24
C GLY B 58 11.64 0.35 28.96
N ARG B 59 12.74 -0.24 28.46
CA ARG B 59 13.34 -1.42 29.10
C ARG B 59 13.63 -1.21 30.59
N ILE B 60 14.42 -0.18 30.90
CA ILE B 60 14.83 0.10 32.28
C ILE B 60 13.65 0.65 33.10
N CYS B 61 12.79 1.43 32.45
CA CYS B 61 11.60 1.99 33.15
C CYS B 61 10.69 0.89 33.63
N TYR B 62 10.38 -0.07 32.75
CA TYR B 62 9.58 -1.24 33.10
C TYR B 62 10.17 -1.98 34.31
N THR B 63 11.46 -2.24 34.25
CA THR B 63 12.17 -3.01 35.27
C THR B 63 12.12 -2.37 36.66
N ILE B 64 12.30 -1.04 36.73
CA ILE B 64 12.22 -0.33 38.01
C ILE B 64 10.79 -0.36 38.55
N VAL B 65 9.83 0.01 37.69
CA VAL B 65 8.39 -0.09 38.04
C VAL B 65 8.06 -1.44 38.69
N GLN B 66 8.49 -2.53 38.06
CA GLN B 66 8.22 -3.88 38.58
C GLN B 66 9.02 -4.18 39.84
N ALA B 67 10.28 -3.80 39.85
CA ALA B 67 11.12 -3.94 41.05
C ALA B 67 10.48 -3.25 42.26
N GLU B 68 9.91 -2.07 42.04
CA GLU B 68 9.28 -1.29 43.11
C GLU B 68 7.94 -1.87 43.58
N ALA B 69 7.14 -2.33 42.63
CA ALA B 69 5.88 -2.98 42.94
C ALA B 69 6.13 -4.24 43.78
N LYS B 70 7.15 -5.00 43.40
CA LYS B 70 7.55 -6.20 44.14
C LYS B 70 8.12 -5.90 45.53
N GLN B 71 9.06 -4.94 45.59
CA GLN B 71 9.75 -4.61 46.84
C GLN B 71 8.89 -3.91 47.90
N THR B 72 8.15 -2.88 47.50
CA THR B 72 7.44 -2.02 48.48
C THR B 72 5.96 -1.81 48.19
N ASN B 73 5.45 -2.47 47.16
CA ASN B 73 4.07 -2.24 46.66
C ASN B 73 3.81 -0.78 46.27
N GLY B 74 4.86 -0.09 45.84
CA GLY B 74 4.75 1.33 45.53
C GLY B 74 4.88 1.60 44.04
N SER B 75 4.47 2.81 43.67
CA SER B 75 4.53 3.30 42.28
C SER B 75 5.05 4.74 42.22
N VAL B 76 5.92 5.10 43.17
CA VAL B 76 6.52 6.43 43.19
C VAL B 76 7.24 6.71 41.86
N PHE B 77 8.06 5.76 41.41
CA PHE B 77 8.77 5.92 40.15
C PHE B 77 7.82 6.11 38.99
N ARG B 78 6.86 5.20 38.84
CA ARG B 78 5.95 5.29 37.71
C ARG B 78 5.21 6.64 37.67
N ARG B 79 4.68 7.07 38.82
CA ARG B 79 3.94 8.32 38.90
C ARG B 79 4.79 9.53 38.50
N ASN B 80 6.02 9.55 39.01
CA ASN B 80 6.97 10.62 38.73
C ASN B 80 7.45 10.58 37.30
N LEU B 81 7.65 9.38 36.76
CA LEU B 81 8.03 9.25 35.34
C LEU B 81 6.90 9.77 34.44
N LEU B 82 5.66 9.33 34.69
CA LEU B 82 4.53 9.75 33.87
C LEU B 82 4.18 11.25 34.03
N ASN B 83 4.33 11.77 35.24
CA ASN B 83 4.19 13.21 35.48
C ASN B 83 5.17 14.01 34.62
N ARG B 84 6.44 13.65 34.71
CA ARG B 84 7.44 14.30 33.87
C ARG B 84 7.19 14.11 32.38
N LEU B 85 6.81 12.91 31.95
CA LEU B 85 6.44 12.67 30.55
C LEU B 85 5.35 13.63 30.11
N GLN B 86 4.32 13.81 30.97
CA GLN B 86 3.23 14.74 30.66
C GLN B 86 3.70 16.17 30.48
N GLN B 87 4.57 16.60 31.39
CA GLN B 87 5.16 17.93 31.35
C GLN B 87 5.89 18.15 30.02
N GLU B 88 6.68 17.16 29.58
CA GLU B 88 7.35 17.24 28.27
C GLU B 88 6.35 17.21 27.12
N PHE B 89 5.43 16.26 27.15
CA PHE B 89 4.35 16.25 26.15
C PHE B 89 3.65 17.62 25.97
N LYS B 90 3.33 18.26 27.09
CA LYS B 90 2.63 19.56 27.07
C LYS B 90 3.48 20.67 26.45
N ALA B 91 4.79 20.52 26.61
CA ALA B 91 5.75 21.44 26.04
C ALA B 91 6.21 21.10 24.62
N ARG B 92 5.54 20.15 23.94
CA ARG B 92 6.02 19.61 22.66
C ARG B 92 6.20 20.65 21.55
N GLU B 93 5.29 21.61 21.41
CA GLU B 93 5.42 22.61 20.34
C GLU B 93 6.72 23.42 20.49
N GLU B 94 6.96 23.92 21.69
CA GLU B 94 8.17 24.71 21.98
C GLU B 94 9.46 23.89 21.89
N THR B 95 9.39 22.63 22.31
CA THR B 95 10.47 21.67 22.13
C THR B 95 10.79 21.45 20.64
N ARG B 96 9.76 21.27 19.81
CA ARG B 96 9.95 21.08 18.36
C ARG B 96 10.57 22.30 17.71
N LYS B 97 10.10 23.49 18.09
CA LYS B 97 10.67 24.74 17.59
C LYS B 97 12.10 24.92 18.03
N ARG B 98 12.42 24.47 19.24
CA ARG B 98 13.77 24.57 19.77
C ARG B 98 14.71 23.60 19.05
N SER B 99 14.30 22.33 18.96
CA SER B 99 15.14 21.29 18.40
C SER B 99 14.34 20.19 17.77
N THR B 100 14.44 20.03 16.45
CA THR B 100 13.79 18.91 15.80
C THR B 100 14.28 17.59 16.42
N GLN B 101 15.59 17.46 16.68
CA GLN B 101 16.12 16.25 17.30
C GLN B 101 15.50 15.92 18.69
N GLU B 102 15.39 16.93 19.56
CA GLU B 102 14.77 16.72 20.88
C GLU B 102 13.31 16.31 20.74
N TRP B 103 12.62 16.88 19.76
CA TRP B 103 11.22 16.55 19.58
C TRP B 103 11.03 15.09 19.14
N VAL B 104 11.83 14.61 18.18
CA VAL B 104 11.68 13.20 17.73
C VAL B 104 12.13 12.18 18.81
N CYS B 105 13.12 12.56 19.62
CA CYS B 105 13.48 11.78 20.80
C CYS B 105 12.32 11.69 21.80
N LEU B 106 11.64 12.83 22.02
CA LEU B 106 10.43 12.86 22.86
C LEU B 106 9.34 11.92 22.33
N VAL B 107 9.08 11.95 21.01
CA VAL B 107 8.10 11.02 20.40
C VAL B 107 8.51 9.56 20.58
N SER B 108 9.76 9.24 20.31
CA SER B 108 10.27 7.88 20.49
C SER B 108 10.11 7.42 21.96
N PHE B 109 10.44 8.31 22.89
CA PHE B 109 10.35 8.02 24.32
C PHE B 109 8.90 7.74 24.70
N ILE B 110 7.97 8.59 24.29
CA ILE B 110 6.58 8.41 24.70
C ILE B 110 6.05 7.07 24.19
N CYS B 111 6.34 6.79 22.92
CA CYS B 111 5.86 5.55 22.28
C CYS B 111 6.54 4.30 22.87
N ASN B 112 7.79 4.45 23.33
CA ASN B 112 8.52 3.36 23.94
C ASN B 112 7.91 3.08 25.32
N ILE B 113 7.53 4.12 26.04
CA ILE B 113 6.88 3.95 27.36
C ILE B 113 5.50 3.30 27.20
N PHE B 114 4.77 3.74 26.18
CA PHE B 114 3.50 3.09 25.80
C PHE B 114 3.70 1.58 25.62
N ASP B 115 4.73 1.21 24.86
CA ASP B 115 4.97 -0.21 24.55
C ASP B 115 5.41 -1.05 25.76
N TYR B 116 6.16 -0.44 26.69
CA TYR B 116 6.77 -1.20 27.81
C TYR B 116 6.00 -1.17 29.13
N LEU B 117 5.46 -0.01 29.47
CA LEU B 117 4.72 0.18 30.72
C LEU B 117 3.31 -0.31 30.55
N LYS B 118 3.15 -1.62 30.65
CA LYS B 118 1.88 -2.28 30.42
C LYS B 118 1.41 -3.04 31.66
N VAL B 119 0.11 -3.32 31.68
CA VAL B 119 -0.48 -4.23 32.68
C VAL B 119 -1.22 -5.33 31.93
N ASN B 120 -0.74 -6.58 32.07
CA ASN B 120 -0.86 -7.63 31.03
C ASN B 120 0.07 -7.22 29.91
N ASN B 121 -0.39 -7.40 28.68
CA ASN B 121 -0.02 -6.54 27.59
C ASN B 121 -1.15 -5.53 27.34
N PRO B 123 -1.84 -2.04 27.25
CA PRO B 123 -1.35 -0.67 27.33
C PRO B 123 -2.13 0.20 28.33
N VAL B 125 -4.26 3.42 28.96
CA VAL B 125 -5.07 4.37 28.18
C VAL B 125 -4.59 5.81 28.36
N ALA B 126 -3.99 6.10 29.51
CA ALA B 126 -3.46 7.44 29.77
C ALA B 126 -2.41 7.82 28.72
N LEU B 127 -1.82 6.84 28.04
CA LEU B 127 -0.77 7.14 27.06
C LEU B 127 -1.27 7.21 25.62
N VAL B 128 -2.52 6.79 25.40
CA VAL B 128 -3.08 6.74 24.06
C VAL B 128 -3.16 8.11 23.37
N HIS B 129 -3.72 9.09 24.07
CA HIS B 129 -3.82 10.41 23.45
C HIS B 129 -2.49 11.14 23.28
N PRO B 130 -1.59 11.13 24.29
CA PRO B 130 -0.23 11.59 24.04
C PRO B 130 0.45 10.92 22.82
N VAL B 131 0.30 9.60 22.66
CA VAL B 131 0.93 8.95 21.48
C VAL B 131 0.30 9.45 20.17
N TYR B 132 -1.02 9.35 20.08
CA TYR B 132 -1.70 9.77 18.85
C TYR B 132 -1.46 11.24 18.53
N ASP B 133 -1.50 12.11 19.55
CA ASP B 133 -1.25 13.54 19.33
C ASP B 133 0.12 13.76 18.66
N CYS B 134 1.16 13.10 19.15
CA CYS B 134 2.49 13.16 18.56
C CYS B 134 2.50 12.64 17.12
N LEU B 135 1.83 11.51 16.87
CA LEU B 135 1.87 10.95 15.52
C LEU B 135 1.12 11.85 14.54
N PHE B 136 -0.03 12.37 14.96
CA PHE B 136 -0.80 13.33 14.13
C PHE B 136 0.02 14.61 13.80
N ARG B 137 0.84 15.06 14.74
CA ARG B 137 1.73 16.21 14.50
C ARG B 137 2.77 15.89 13.42
N LEU B 138 3.37 14.71 13.53
CA LEU B 138 4.34 14.24 12.52
C LEU B 138 3.72 14.04 11.14
N ALA B 139 2.40 13.86 11.09
CA ALA B 139 1.74 13.57 9.81
C ALA B 139 1.24 14.83 9.10
N GLN B 140 1.41 15.98 9.73
CA GLN B 140 1.02 17.27 9.15
C GLN B 140 1.97 17.61 8.03
N SER B 141 1.48 18.41 7.08
CA SER B 141 2.25 18.79 5.88
C SER B 141 3.64 19.26 6.19
N ASP B 142 3.73 20.18 7.14
CA ASP B 142 5.02 20.77 7.50
C ASP B 142 6.02 19.76 8.11
N ALA B 143 5.54 18.72 8.77
CA ALA B 143 6.42 17.74 9.40
C ALA B 143 6.84 16.69 8.40
N LEU B 144 5.90 16.28 7.55
CA LEU B 144 6.24 15.39 6.45
C LEU B 144 7.34 15.96 5.54
N LYS B 145 7.42 17.30 5.46
CA LYS B 145 8.41 18.01 4.62
C LYS B 145 9.80 17.89 5.24
N ASN B 146 9.86 17.30 6.45
CA ASN B 146 11.11 17.10 7.19
C ASN B 146 11.39 15.60 7.32
N GLU B 147 12.39 15.14 6.58
CA GLU B 147 12.80 13.73 6.53
C GLU B 147 13.01 13.08 7.94
N GLU B 148 13.60 13.81 8.87
CA GLU B 148 13.81 13.35 10.25
C GLU B 148 12.51 13.03 11.00
N GLU B 149 11.49 13.82 10.74
CA GLU B 149 10.18 13.58 11.36
C GLU B 149 9.49 12.35 10.75
N VAL B 150 9.70 12.12 9.46
CA VAL B 150 9.10 10.98 8.80
C VAL B 150 9.71 9.67 9.29
N ASP B 151 11.04 9.64 9.42
CA ASP B 151 11.75 8.52 10.02
C ASP B 151 11.17 8.20 11.41
N CYS B 152 10.94 9.23 12.22
CA CYS B 152 10.37 9.06 13.55
C CYS B 152 8.96 8.42 13.48
N LEU B 153 8.10 9.01 12.68
CA LEU B 153 6.75 8.52 12.48
C LEU B 153 6.65 7.04 12.10
N VAL B 154 7.36 6.62 11.06
CA VAL B 154 7.30 5.22 10.59
C VAL B 154 7.90 4.25 11.61
N LEU B 155 8.95 4.67 12.33
CA LEU B 155 9.47 3.87 13.41
C LEU B 155 8.37 3.55 14.44
N GLN B 156 7.65 4.57 14.88
CA GLN B 156 6.55 4.35 15.84
C GLN B 156 5.48 3.42 15.28
N LEU B 157 5.10 3.65 14.04
CA LEU B 157 4.08 2.83 13.40
C LEU B 157 4.53 1.37 13.23
N HIS B 158 5.79 1.15 12.85
CA HIS B 158 6.35 -0.22 12.89
C HIS B 158 6.33 -0.84 14.29
N ARG B 159 6.65 -0.05 15.30
CA ARG B 159 6.76 -0.57 16.67
C ARG B 159 5.40 -0.87 17.33
N ILE B 160 4.46 0.07 17.25
CA ILE B 160 3.24 0.01 18.05
C ILE B 160 1.98 0.31 17.26
N GLY B 161 2.10 0.45 15.94
CA GLY B 161 0.91 0.75 15.12
C GLY B 161 -0.24 -0.21 15.29
N ASP B 162 0.05 -1.51 15.30
CA ASP B 162 -1.03 -2.49 15.41
C ASP B 162 -1.73 -2.42 16.78
N GLN B 163 -0.92 -2.20 17.81
CA GLN B 163 -1.41 -2.01 19.17
C GLN B 163 -2.25 -0.76 19.29
N LEU B 164 -1.79 0.33 18.68
CA LEU B 164 -2.50 1.60 18.72
C LEU B 164 -3.81 1.58 18.03
N GLU B 165 -3.83 0.89 16.89
CA GLU B 165 -4.99 0.80 16.08
C GLU B 165 -6.11 0.13 16.88
N LYS B 166 -5.77 -0.88 17.68
CA LYS B 166 -6.78 -1.58 18.48
C LYS B 166 -7.33 -0.69 19.58
N ASN B 168 -7.92 2.56 19.25
CA ASN B 168 -8.86 3.48 18.61
C ASN B 168 -8.65 3.40 17.13
N VAL B 169 -9.49 2.64 16.44
N VAL B 169 -9.55 2.66 16.48
CA VAL B 169 -9.26 2.46 14.99
CA VAL B 169 -9.44 2.35 15.06
C VAL B 169 -9.61 3.68 14.16
C VAL B 169 -9.66 3.59 14.19
N GLN B 170 -10.63 4.41 14.55
CA GLN B 170 -10.99 5.64 13.82
C GLN B 170 -9.85 6.65 13.78
N LEU B 171 -9.14 6.86 14.91
CA LEU B 171 -7.95 7.67 14.90
C LEU B 171 -6.85 7.14 13.96
N ASP B 173 -7.38 5.30 11.25
CA ASP B 173 -7.92 5.55 9.91
C ASP B 173 -7.68 7.00 9.52
N GLU B 174 -7.94 7.92 10.44
CA GLU B 174 -7.72 9.35 10.20
C GLU B 174 -6.23 9.70 9.99
N LEU B 175 -5.36 9.04 10.76
CA LEU B 175 -3.92 9.26 10.59
C LEU B 175 -3.44 8.80 9.21
N PHE B 176 -3.88 7.60 8.80
CA PHE B 176 -3.49 7.13 7.48
C PHE B 176 -4.06 7.95 6.32
N ASN B 177 -5.20 8.60 6.55
CA ASN B 177 -5.75 9.54 5.58
C ASN B 177 -4.80 10.71 5.37
N LEU B 178 -4.26 11.27 6.46
CA LEU B 178 -3.19 12.29 6.36
C LEU B 178 -1.95 11.81 5.65
N LEU B 179 -1.57 10.55 5.87
CA LEU B 179 -0.39 9.97 5.20
C LEU B 179 -0.60 9.85 3.69
N ARG B 180 -1.77 9.35 3.28
CA ARG B 180 -2.14 9.32 1.84
C ARG B 180 -2.15 10.74 1.27
N ASP B 181 -2.80 11.66 1.99
CA ASP B 181 -2.80 13.06 1.58
C ASP B 181 -1.37 13.59 1.34
N GLY B 182 -0.48 13.33 2.27
CA GLY B 182 0.84 13.97 2.21
C GLY B 182 1.59 13.30 1.09
N PHE B 183 1.25 12.06 0.90
CA PHE B 183 1.87 11.33 -0.15
CA PHE B 183 1.90 11.31 -0.13
C PHE B 183 1.43 11.80 -1.50
N LEU B 184 0.12 12.00 -1.65
CA LEU B 184 -0.44 12.27 -2.93
C LEU B 184 -0.16 13.63 -3.46
N LEU B 185 -0.18 14.60 -2.53
CA LEU B 185 -0.46 16.02 -2.83
C LEU B 185 0.66 16.99 -2.52
N GLN B 186 1.33 16.76 -1.42
CA GLN B 186 2.40 17.64 -1.00
C GLN B 186 3.67 17.38 -1.80
N GLU B 187 4.03 18.37 -2.59
CA GLU B 187 5.18 18.33 -3.46
C GLU B 187 6.52 18.25 -2.71
N ASP B 188 6.67 18.98 -1.62
CA ASP B 188 8.00 19.18 -1.04
C ASP B 188 8.49 18.07 -0.07
N LEU B 189 8.27 16.79 -0.47
CA LEU B 189 8.83 15.60 0.23
C LEU B 189 10.17 15.20 -0.43
N SER B 190 11.07 14.61 0.36
CA SER B 190 12.35 14.23 -0.18
C SER B 190 12.22 12.80 -0.67
N SER B 191 13.20 12.33 -1.44
CA SER B 191 13.10 10.95 -1.94
C SER B 191 13.04 9.93 -0.79
N GLY B 193 11.87 10.62 2.28
CA GLY B 193 10.56 10.77 2.95
C GLY B 193 9.48 10.04 2.17
N ARG B 194 9.51 10.16 0.84
CA ARG B 194 8.53 9.50 -0.01
C ARG B 194 8.68 7.99 0.09
N LEU B 195 9.90 7.48 0.14
CA LEU B 195 10.13 6.06 0.28
C LEU B 195 9.54 5.53 1.63
N LEU B 196 9.85 6.23 2.71
CA LEU B 196 9.37 5.78 4.04
C LEU B 196 7.84 5.75 4.13
N LEU B 197 7.19 6.77 3.57
CA LEU B 197 5.73 6.83 3.58
C LEU B 197 5.11 5.70 2.78
N LEU B 198 5.66 5.44 1.59
CA LEU B 198 5.10 4.36 0.78
C LEU B 198 5.21 3.02 1.50
N GLU B 199 6.35 2.76 2.10
CA GLU B 199 6.53 1.50 2.81
C GLU B 199 5.52 1.35 3.95
N ILE B 200 5.29 2.41 4.72
CA ILE B 200 4.32 2.31 5.87
C ILE B 200 2.88 2.15 5.42
N LEU B 201 2.54 2.79 4.30
CA LEU B 201 1.23 2.57 3.66
C LEU B 201 1.01 1.10 3.26
N GLU B 202 2.01 0.49 2.66
CA GLU B 202 1.95 -0.93 2.27
C GLU B 202 1.95 -1.82 3.51
N PHE B 203 2.72 -1.41 4.51
CA PHE B 203 2.88 -2.14 5.75
C PHE B 203 1.52 -2.28 6.47
N ARG B 204 0.84 -1.17 6.65
CA ARG B 204 -0.51 -1.24 7.22
C ARG B 204 -1.49 -2.02 6.35
N ALA B 205 -1.46 -1.80 5.04
CA ALA B 205 -2.40 -2.50 4.15
C ALA B 205 -2.19 -3.99 4.19
N GLY B 206 -0.96 -4.44 4.41
CA GLY B 206 -0.68 -5.88 4.54
C GLY B 206 -0.96 -6.44 5.95
N GLY B 207 -1.62 -5.68 6.81
CA GLY B 207 -1.95 -6.16 8.17
C GLY B 207 -0.80 -6.00 9.15
N TRP B 208 -0.09 -4.88 8.99
CA TRP B 208 1.05 -4.48 9.82
C TRP B 208 2.16 -5.55 9.65
N LYS B 209 2.43 -5.90 8.39
CA LYS B 209 3.45 -6.90 8.02
C LYS B 209 4.12 -6.42 6.75
N LEU B 210 5.38 -6.80 6.59
CA LEU B 210 6.16 -6.47 5.42
C LEU B 210 6.19 -7.73 4.51
N SER B 211 5.60 -7.62 3.33
CA SER B 211 5.64 -8.71 2.36
C SER B 211 7.08 -9.00 1.99
N ASP B 212 7.36 -10.23 1.54
CA ASP B 212 8.70 -10.59 1.06
C ASP B 212 9.17 -9.68 -0.07
N THR B 213 8.28 -9.41 -1.03
CA THR B 213 8.68 -8.57 -2.16
C THR B 213 8.97 -7.12 -1.72
N ALA B 214 8.15 -6.60 -0.81
CA ALA B 214 8.40 -5.24 -0.28
C ALA B 214 9.69 -5.18 0.55
N GLN B 215 10.00 -6.20 1.36
CA GLN B 215 11.29 -6.29 2.08
C GLN B 215 12.45 -6.09 1.11
N LYS B 216 12.40 -6.84 0.02
CA LYS B 216 13.42 -6.78 -1.00
C LYS B 216 13.47 -5.40 -1.66
N TYR B 217 12.29 -4.82 -1.92
CA TYR B 217 12.25 -3.52 -2.61
C TYR B 217 12.85 -2.43 -1.71
N TYR B 218 12.41 -2.38 -0.47
CA TYR B 218 12.81 -1.27 0.43
C TYR B 218 14.11 -1.49 1.19
N TYR B 219 14.47 -2.74 1.49
CA TYR B 219 15.60 -3.00 2.43
C TYR B 219 16.70 -3.91 1.92
#